data_3C8J
#
_entry.id   3C8J
#
_cell.length_a   69.097
_cell.length_b   94.892
_cell.length_c   104.192
_cell.angle_alpha   90.00
_cell.angle_beta   90.00
_cell.angle_gamma   90.00
#
_symmetry.space_group_name_H-M   'P 21 21 21'
#
loop_
_entity.id
_entity.type
_entity.pdbx_description
1 polymer 'Natural killer cell receptor Ly49C'
2 water water
#
_entity_poly.entity_id   1
_entity_poly.type   'polypeptide(L)'
_entity_poly.pdbx_seq_one_letter_code
;MASKIFQYNQHKQETNETLNHHNCSNMQRAFNLKEEMLTNKSIDCRPSNETLEYIKGEQHDRWDSKTKTVLDSSRDTGRG
VKYWFCYSTKCYYFIMNKTTWSGCKANCQHYGVPILKIEDEDELKFLQRHVIPGNYWIGLSYDKKKKEWAWIDNGPSKLD
MKIKKMNFKSRGCVFLSKARIEDIDCNIPYYCICGKKLDKFPD
;
_entity_poly.pdbx_strand_id   A,B,C,D
#
# COMPACT_ATOMS: atom_id res chain seq x y z
N THR A 77 7.83 1.18 40.04
CA THR A 77 7.69 1.75 38.66
C THR A 77 6.52 1.13 37.84
N GLY A 78 6.35 1.57 36.59
CA GLY A 78 5.29 1.06 35.73
C GLY A 78 5.25 1.75 34.37
N ARG A 79 4.04 2.19 33.98
CA ARG A 79 3.75 2.88 32.71
C ARG A 79 2.24 2.95 32.48
N GLY A 80 1.54 1.86 32.87
CA GLY A 80 0.11 1.71 32.58
C GLY A 80 -0.35 0.48 31.80
N VAL A 81 -1.65 0.46 31.49
CA VAL A 81 -2.28 -0.67 30.83
C VAL A 81 -2.51 -0.28 29.39
N LYS A 82 -1.95 -1.03 28.47
CA LYS A 82 -2.18 -0.77 27.06
C LYS A 82 -2.29 -2.08 26.29
N TYR A 83 -2.87 -2.00 25.10
CA TYR A 83 -2.76 -3.08 24.12
C TYR A 83 -2.47 -2.46 22.76
N TRP A 84 -1.97 -3.25 21.82
CA TRP A 84 -1.82 -2.76 20.48
C TRP A 84 -2.57 -3.64 19.45
N PHE A 85 -2.83 -3.06 18.28
CA PHE A 85 -3.76 -3.62 17.30
C PHE A 85 -3.51 -2.93 15.96
N CYS A 86 -3.42 -3.72 14.90
CA CYS A 86 -3.17 -3.16 13.59
C CYS A 86 -4.44 -3.21 12.75
N TYR A 87 -4.47 -2.39 11.72
CA TYR A 87 -5.59 -2.34 10.84
C TYR A 87 -5.11 -1.75 9.55
N SER A 88 -5.37 -2.47 8.46
CA SER A 88 -4.93 -2.05 7.14
C SER A 88 -3.41 -1.96 7.18
N THR A 89 -2.84 -0.82 6.81
CA THR A 89 -1.37 -0.67 6.91
C THR A 89 -0.93 0.22 8.08
N LYS A 90 -1.64 0.19 9.19
CA LYS A 90 -1.33 1.07 10.32
C LYS A 90 -1.43 0.31 11.65
N CYS A 91 -0.64 0.66 12.66
CA CYS A 91 -0.89 0.07 13.99
C CYS A 91 -1.07 1.12 15.06
N TYR A 92 -1.85 0.74 16.08
CA TYR A 92 -2.22 1.62 17.16
C TYR A 92 -1.90 1.02 18.53
N TYR A 93 -1.71 1.90 19.50
CA TYR A 93 -1.66 1.59 20.92
C TYR A 93 -2.89 2.22 21.55
N PHE A 94 -3.66 1.44 22.28
CA PHE A 94 -4.74 2.05 23.04
C PHE A 94 -4.27 1.99 24.47
N ILE A 95 -3.94 3.16 25.02
CA ILE A 95 -3.46 3.26 26.38
C ILE A 95 -4.64 3.49 27.32
N MET A 96 -4.89 2.49 28.15
CA MET A 96 -6.12 2.39 28.94
C MET A 96 -5.97 2.87 30.39
N ASN A 97 -5.16 3.92 30.58
CA ASN A 97 -5.11 4.74 31.81
C ASN A 97 -5.55 6.12 31.43
N LYS A 98 -6.23 6.80 32.36
CA LYS A 98 -6.72 8.14 32.10
C LYS A 98 -5.63 9.15 32.48
N THR A 99 -5.05 9.78 31.46
CA THR A 99 -4.10 10.87 31.66
C THR A 99 -4.62 12.13 30.98
N THR A 100 -3.97 13.27 31.24
CA THR A 100 -4.20 14.52 30.50
C THR A 100 -3.79 14.30 29.06
N TRP A 101 -4.13 15.23 28.17
CA TRP A 101 -3.71 15.14 26.78
C TRP A 101 -2.20 15.15 26.69
N SER A 102 -1.56 16.09 27.35
CA SER A 102 -0.11 16.16 27.33
C SER A 102 0.55 14.84 27.76
N GLY A 103 -0.04 14.17 28.75
CA GLY A 103 0.47 12.90 29.25
C GLY A 103 0.32 11.86 28.17
N CYS A 104 -0.78 11.95 27.43
CA CYS A 104 -1.05 11.05 26.32
C CYS A 104 0.01 11.24 25.23
N LYS A 105 0.22 12.48 24.82
CA LYS A 105 1.33 12.78 23.94
C LYS A 105 2.63 12.19 24.50
N ALA A 106 2.89 12.45 25.79
CA ALA A 106 4.10 11.98 26.45
C ALA A 106 4.25 10.46 26.32
N ASN A 107 3.23 9.72 26.77
CA ASN A 107 3.29 8.26 26.77
C ASN A 107 3.55 7.70 25.40
N CYS A 108 2.83 8.23 24.42
CA CYS A 108 2.96 7.79 23.04
C CYS A 108 4.41 7.97 22.55
N GLN A 109 5.04 9.11 22.86
CA GLN A 109 6.44 9.34 22.48
C GLN A 109 7.34 8.26 23.06
N HIS A 110 7.12 7.93 24.33
CA HIS A 110 7.89 6.93 25.03
C HIS A 110 7.93 5.56 24.32
N TYR A 111 6.92 5.26 23.52
CA TYR A 111 6.96 4.02 22.73
C TYR A 111 7.35 4.29 21.28
N GLY A 112 7.73 5.54 20.97
CA GLY A 112 8.03 5.92 19.60
C GLY A 112 6.87 5.83 18.64
N VAL A 113 5.64 5.79 19.15
CA VAL A 113 4.46 5.76 18.29
C VAL A 113 3.64 6.95 18.71
N PRO A 114 3.64 8.01 17.90
CA PRO A 114 3.08 9.27 18.41
C PRO A 114 1.55 9.29 18.55
N ILE A 115 1.04 10.26 19.32
CA ILE A 115 -0.41 10.39 19.56
C ILE A 115 -1.15 10.43 18.22
N LEU A 116 -2.34 9.82 18.18
CA LEU A 116 -3.01 9.53 16.91
C LEU A 116 -3.30 10.71 16.00
N LYS A 117 -2.92 10.53 14.74
CA LYS A 117 -3.43 11.33 13.65
C LYS A 117 -4.41 10.49 12.84
N ILE A 118 -5.60 11.04 12.58
CA ILE A 118 -6.62 10.34 11.81
C ILE A 118 -6.65 10.93 10.41
N GLU A 119 -6.54 10.07 9.40
CA GLU A 119 -6.42 10.51 8.00
C GLU A 119 -7.75 10.80 7.34
N ASP A 120 -8.71 9.91 7.53
CA ASP A 120 -10.02 10.03 6.90
C ASP A 120 -11.15 9.45 7.73
N GLU A 121 -12.39 9.65 7.23
CA GLU A 121 -13.61 9.20 7.89
C GLU A 121 -13.69 7.70 7.99
N ASP A 122 -13.03 6.99 7.09
CA ASP A 122 -12.99 5.53 7.15
C ASP A 122 -12.23 5.06 8.38
N GLU A 123 -11.05 5.66 8.59
CA GLU A 123 -10.24 5.40 9.75
C GLU A 123 -10.95 5.82 11.03
N LEU A 124 -11.50 7.03 11.06
CA LEU A 124 -12.28 7.47 12.22
C LEU A 124 -13.33 6.42 12.64
N LYS A 125 -14.18 6.05 11.70
CA LYS A 125 -15.24 5.08 11.94
C LYS A 125 -14.67 3.72 12.34
N PHE A 126 -13.57 3.29 11.74
CA PHE A 126 -13.00 2.06 12.21
C PHE A 126 -12.66 2.15 13.70
N LEU A 127 -12.04 3.23 14.10
CA LEU A 127 -11.65 3.41 15.50
C LEU A 127 -12.85 3.38 16.44
N GLN A 128 -13.91 4.08 16.06
CA GLN A 128 -15.09 4.16 16.91
C GLN A 128 -15.83 2.82 17.04
N ARG A 129 -15.89 2.06 15.95
CA ARG A 129 -16.40 0.71 16.03
C ARG A 129 -15.50 -0.14 16.93
N HIS A 130 -14.19 0.14 16.94
CA HIS A 130 -13.23 -0.73 17.60
C HIS A 130 -13.18 -0.52 19.11
N VAL A 131 -13.03 0.75 19.45
CA VAL A 131 -12.77 1.20 20.79
C VAL A 131 -13.74 0.59 21.81
N ILE A 132 -13.20 0.23 22.98
CA ILE A 132 -14.05 -0.11 24.12
C ILE A 132 -14.73 1.21 24.52
N PRO A 133 -16.04 1.20 24.87
CA PRO A 133 -16.69 2.49 25.26
C PRO A 133 -15.81 3.32 26.19
N GLY A 134 -15.53 4.56 25.80
CA GLY A 134 -14.73 5.46 26.62
C GLY A 134 -14.45 6.73 25.83
N ASN A 135 -13.49 7.52 26.32
CA ASN A 135 -13.05 8.72 25.66
C ASN A 135 -11.54 8.69 25.49
N TYR A 136 -11.08 8.94 24.27
CA TYR A 136 -9.67 8.77 23.95
C TYR A 136 -9.08 10.06 23.37
N TRP A 137 -8.05 10.58 24.01
CA TRP A 137 -7.32 11.70 23.46
C TRP A 137 -6.73 11.27 22.11
N ILE A 138 -6.75 12.19 21.15
CA ILE A 138 -6.09 11.98 19.86
C ILE A 138 -5.22 13.21 19.57
N GLY A 139 -4.33 13.12 18.58
CA GLY A 139 -3.33 14.15 18.33
C GLY A 139 -3.86 15.35 17.57
N LEU A 140 -4.94 15.95 18.09
CA LEU A 140 -5.46 17.17 17.54
C LEU A 140 -5.70 18.16 18.67
N SER A 141 -4.90 19.23 18.68
CA SER A 141 -4.93 20.23 19.74
C SER A 141 -4.95 21.64 19.20
N TYR A 142 -5.39 22.57 20.04
CA TYR A 142 -5.43 24.01 19.72
C TYR A 142 -4.05 24.64 19.90
N ASP A 143 -3.55 25.30 18.85
CA ASP A 143 -2.29 26.01 18.90
C ASP A 143 -2.51 27.38 19.53
N LYS A 144 -2.03 27.56 20.75
CA LYS A 144 -2.24 28.80 21.49
C LYS A 144 -1.54 29.96 20.83
N LYS A 145 -0.38 29.70 20.22
CA LYS A 145 0.44 30.76 19.61
C LYS A 145 -0.07 31.17 18.22
N LYS A 146 -0.74 30.25 17.53
CA LYS A 146 -1.21 30.49 16.17
C LYS A 146 -2.72 30.77 16.05
N LYS A 147 -3.47 30.38 17.09
CA LYS A 147 -4.94 30.43 17.08
C LYS A 147 -5.54 29.57 15.96
N GLU A 148 -5.10 28.31 15.92
CA GLU A 148 -5.59 27.33 14.96
C GLU A 148 -5.50 25.92 15.52
N TRP A 149 -6.30 25.02 14.98
CA TRP A 149 -6.22 23.61 15.35
C TRP A 149 -5.06 22.96 14.62
N ALA A 150 -4.47 21.94 15.24
CA ALA A 150 -3.27 21.31 14.70
C ALA A 150 -3.17 19.84 15.07
N TRP A 151 -2.87 19.03 14.05
CA TRP A 151 -2.50 17.65 14.26
C TRP A 151 -1.10 17.52 14.83
N ILE A 152 -0.82 16.35 15.40
CA ILE A 152 0.49 16.09 15.97
C ILE A 152 1.63 16.35 14.97
N ASP A 153 1.41 16.00 13.71
CA ASP A 153 2.45 16.10 12.67
C ASP A 153 2.44 17.40 11.86
N ASN A 154 1.48 18.29 12.14
CA ASN A 154 1.28 19.58 11.44
C ASN A 154 0.86 19.44 9.98
N GLY A 155 0.44 18.25 9.61
CA GLY A 155 -0.05 17.99 8.26
C GLY A 155 -1.56 18.17 8.21
N PRO A 156 -2.11 18.27 6.99
CA PRO A 156 -3.56 18.27 6.88
C PRO A 156 -4.13 16.86 7.04
N SER A 157 -5.43 16.79 7.27
CA SER A 157 -6.16 15.55 7.34
C SER A 157 -7.47 15.72 6.58
N LYS A 158 -7.97 14.64 6.01
CA LYS A 158 -9.22 14.73 5.24
C LYS A 158 -10.46 14.86 6.12
N LEU A 159 -10.22 14.97 7.42
CA LEU A 159 -11.26 15.23 8.37
C LEU A 159 -11.43 16.72 8.54
N ASP A 160 -10.37 17.46 8.22
CA ASP A 160 -10.32 18.91 8.47
C ASP A 160 -11.57 19.61 7.97
N MET A 161 -12.00 19.29 6.75
CA MET A 161 -13.22 19.83 6.16
C MET A 161 -14.41 19.70 7.10
N LYS A 162 -14.67 18.47 7.54
CA LYS A 162 -15.73 18.16 8.49
C LYS A 162 -15.47 18.83 9.85
N ILE A 163 -14.22 18.72 10.33
CA ILE A 163 -13.81 19.29 11.62
C ILE A 163 -14.02 20.79 11.72
N LYS A 164 -13.59 21.55 10.71
CA LYS A 164 -13.77 22.99 10.76
C LYS A 164 -15.24 23.40 10.70
N LYS A 165 -16.08 22.51 10.14
CA LYS A 165 -17.53 22.73 10.15
C LYS A 165 -18.16 22.25 11.46
N MET A 166 -17.33 21.67 12.34
CA MET A 166 -17.80 21.22 13.64
C MET A 166 -17.70 22.27 14.74
N ASN A 167 -17.19 23.45 14.39
CA ASN A 167 -17.12 24.63 15.29
C ASN A 167 -16.68 24.32 16.71
N PHE A 168 -15.44 23.86 16.86
CA PHE A 168 -14.86 23.62 18.19
C PHE A 168 -14.60 24.95 18.90
N LYS A 169 -15.22 25.10 20.07
CA LYS A 169 -15.19 26.35 20.84
C LYS A 169 -13.98 26.44 21.76
N SER A 170 -13.92 25.52 22.72
CA SER A 170 -12.84 25.47 23.73
C SER A 170 -11.43 25.56 23.14
N ARG A 171 -10.58 26.36 23.79
CA ARG A 171 -9.17 26.40 23.44
C ARG A 171 -8.45 25.17 23.99
N GLY A 172 -9.07 24.01 23.80
CA GLY A 172 -8.62 22.76 24.42
C GLY A 172 -8.13 21.77 23.40
N CYS A 173 -8.48 20.51 23.60
CA CYS A 173 -7.99 19.38 22.82
C CYS A 173 -9.14 18.53 22.22
N VAL A 174 -8.81 17.41 21.59
CA VAL A 174 -9.83 16.57 20.94
C VAL A 174 -9.77 15.10 21.37
N PHE A 175 -10.90 14.53 21.74
CA PHE A 175 -10.95 13.11 22.03
C PHE A 175 -11.95 12.43 21.13
N LEU A 176 -11.84 11.11 20.98
CA LEU A 176 -12.95 10.39 20.37
C LEU A 176 -13.67 9.42 21.32
N SER A 177 -14.92 9.15 20.98
CA SER A 177 -15.78 8.22 21.68
C SER A 177 -16.37 7.37 20.57
N LYS A 178 -17.07 6.30 20.93
CA LYS A 178 -17.68 5.43 19.93
C LYS A 178 -18.72 6.19 19.11
N ALA A 179 -19.22 7.29 19.70
CA ALA A 179 -20.28 8.11 19.13
C ALA A 179 -19.78 9.27 18.27
N ARG A 180 -18.67 9.91 18.66
CA ARG A 180 -18.12 11.01 17.85
C ARG A 180 -16.75 11.54 18.30
N ILE A 181 -16.41 12.75 17.85
CA ILE A 181 -15.22 13.48 18.32
C ILE A 181 -15.66 14.86 18.83
N GLU A 182 -14.97 15.34 19.86
CA GLU A 182 -15.35 16.54 20.56
C GLU A 182 -14.12 17.34 21.01
N ASP A 183 -14.34 18.55 21.49
CA ASP A 183 -13.28 19.38 22.04
C ASP A 183 -13.51 19.72 23.53
N ILE A 184 -12.48 19.52 24.33
CA ILE A 184 -12.56 19.76 25.77
C ILE A 184 -11.19 20.10 26.40
N ASP A 185 -11.22 20.67 27.60
CA ASP A 185 -10.03 21.01 28.38
C ASP A 185 -9.01 19.89 28.36
N CYS A 186 -7.77 20.22 27.97
CA CYS A 186 -6.69 19.24 27.79
C CYS A 186 -6.24 18.52 29.08
N ASN A 187 -6.71 19.00 30.23
CA ASN A 187 -6.34 18.42 31.52
C ASN A 187 -7.29 17.33 32.00
N ILE A 188 -8.34 17.06 31.23
CA ILE A 188 -9.26 16.01 31.61
C ILE A 188 -8.59 14.63 31.45
N PRO A 189 -8.64 13.80 32.50
CA PRO A 189 -8.03 12.48 32.44
C PRO A 189 -8.84 11.54 31.56
N TYR A 190 -8.33 11.26 30.35
CA TYR A 190 -8.96 10.33 29.45
C TYR A 190 -7.99 9.24 29.01
N TYR A 191 -8.51 8.25 28.31
CA TYR A 191 -7.67 7.27 27.65
C TYR A 191 -6.91 7.96 26.50
N CYS A 192 -6.19 7.18 25.72
CA CYS A 192 -5.23 7.72 24.80
C CYS A 192 -4.95 6.73 23.68
N ILE A 193 -4.92 7.23 22.44
CA ILE A 193 -4.60 6.41 21.27
C ILE A 193 -3.35 6.86 20.55
N CYS A 194 -2.40 5.95 20.39
CA CYS A 194 -1.19 6.23 19.63
C CYS A 194 -1.32 5.56 18.28
N GLY A 195 -0.79 6.17 17.23
CA GLY A 195 -0.89 5.57 15.91
C GLY A 195 0.34 5.77 15.05
N LYS A 196 0.58 4.85 14.12
CA LYS A 196 1.73 4.96 13.23
C LYS A 196 1.60 4.11 11.95
N LYS A 197 1.85 4.74 10.79
CA LYS A 197 1.85 4.10 9.49
C LYS A 197 3.00 3.09 9.36
N LEU A 198 2.69 1.93 8.79
CA LEU A 198 3.73 1.02 8.43
C LEU A 198 4.28 1.42 7.08
N ASP A 199 5.60 1.33 6.96
CA ASP A 199 6.36 1.75 5.78
C ASP A 199 6.53 0.61 4.81
N LYS A 200 6.23 -0.59 5.28
CA LYS A 200 6.61 -1.80 4.61
C LYS A 200 5.93 -2.94 5.38
N PHE A 201 5.89 -4.12 4.77
CA PHE A 201 5.35 -5.27 5.44
C PHE A 201 6.26 -5.65 6.62
N PRO A 202 5.68 -5.74 7.82
CA PRO A 202 6.44 -6.06 9.03
C PRO A 202 7.35 -7.28 8.90
N ASP A 203 8.65 -7.05 9.09
CA ASP A 203 9.62 -8.16 9.27
C ASP A 203 10.46 -7.91 10.52
N GLY B 78 5.39 -16.17 -12.92
CA GLY B 78 5.46 -14.68 -12.96
C GLY B 78 4.45 -14.00 -12.06
N ARG B 79 4.89 -12.92 -11.40
CA ARG B 79 4.06 -12.17 -10.44
C ARG B 79 3.20 -11.07 -11.10
N GLY B 80 2.18 -10.63 -10.35
CA GLY B 80 1.25 -9.58 -10.78
C GLY B 80 0.66 -8.85 -9.58
N VAL B 81 -0.66 -8.96 -9.41
CA VAL B 81 -1.40 -8.12 -8.47
C VAL B 81 -1.49 -8.70 -7.05
N LYS B 82 -1.30 -7.82 -6.07
CA LYS B 82 -0.97 -8.16 -4.70
C LYS B 82 -1.24 -6.91 -3.80
N TYR B 83 -1.80 -7.11 -2.60
CA TYR B 83 -1.79 -6.08 -1.53
C TYR B 83 -1.66 -6.75 -0.18
N TRP B 84 -1.19 -6.02 0.81
CA TRP B 84 -1.20 -6.51 2.18
C TRP B 84 -2.09 -5.71 3.11
N PHE B 85 -2.45 -6.34 4.22
CA PHE B 85 -3.40 -5.76 5.16
C PHE B 85 -3.16 -6.39 6.51
N CYS B 86 -3.24 -5.62 7.57
CA CYS B 86 -3.11 -6.28 8.87
C CYS B 86 -4.43 -6.08 9.64
N TYR B 87 -4.62 -6.97 10.54
CA TYR B 87 -5.76 -6.79 11.48
C TYR B 87 -5.29 -7.27 12.83
N SER B 88 -5.73 -6.66 13.91
CA SER B 88 -5.25 -7.18 15.22
C SER B 88 -3.79 -7.46 15.14
N THR B 89 -3.26 -8.62 15.39
CA THR B 89 -1.84 -8.91 15.57
C THR B 89 -1.31 -9.76 14.47
N LYS B 90 -1.95 -9.60 13.29
CA LYS B 90 -1.47 -10.45 12.17
C LYS B 90 -1.46 -9.60 10.93
N CYS B 91 -0.57 -9.88 9.98
CA CYS B 91 -0.70 -9.28 8.62
C CYS B 91 -0.78 -10.32 7.53
N TYR B 92 -1.48 -9.97 6.46
CA TYR B 92 -1.76 -10.92 5.39
C TYR B 92 -1.37 -10.27 4.09
N TYR B 93 -1.02 -11.10 3.13
CA TYR B 93 -0.89 -10.72 1.74
C TYR B 93 -2.06 -11.33 0.99
N PHE B 94 -2.63 -10.57 0.07
CA PHE B 94 -3.67 -11.11 -0.79
C PHE B 94 -3.16 -11.02 -2.21
N ILE B 95 -2.87 -12.19 -2.74
CA ILE B 95 -2.27 -12.31 -4.04
C ILE B 95 -3.40 -12.63 -4.98
N MET B 96 -3.61 -11.72 -5.94
CA MET B 96 -4.78 -11.70 -6.80
C MET B 96 -4.48 -12.08 -8.23
N ASN B 97 -3.37 -12.76 -8.50
CA ASN B 97 -3.35 -13.50 -9.77
C ASN B 97 -3.74 -14.91 -9.40
N LYS B 98 -4.19 -15.69 -10.37
CA LYS B 98 -4.69 -17.00 -10.06
C LYS B 98 -3.60 -18.05 -10.34
N THR B 99 -3.40 -18.95 -9.37
CA THR B 99 -2.35 -19.94 -9.42
C THR B 99 -2.84 -21.23 -8.76
N THR B 100 -2.19 -22.35 -9.01
CA THR B 100 -2.53 -23.59 -8.31
C THR B 100 -2.25 -23.36 -6.83
N TRP B 101 -2.78 -24.22 -5.96
CA TRP B 101 -2.41 -24.20 -4.55
C TRP B 101 -0.90 -24.04 -4.34
N SER B 102 -0.11 -24.84 -5.04
CA SER B 102 1.30 -24.89 -4.72
C SER B 102 2.06 -23.66 -5.23
N GLY B 103 1.49 -22.98 -6.22
CA GLY B 103 2.01 -21.71 -6.72
C GLY B 103 1.76 -20.66 -5.66
N CYS B 104 0.70 -20.89 -4.86
CA CYS B 104 0.37 -19.99 -3.79
C CYS B 104 1.40 -20.23 -2.68
N LYS B 105 1.61 -21.49 -2.35
CA LYS B 105 2.63 -21.86 -1.39
C LYS B 105 3.97 -21.27 -1.82
N ALA B 106 4.34 -21.48 -3.08
CA ALA B 106 5.63 -20.93 -3.58
C ALA B 106 5.70 -19.37 -3.58
N ASN B 107 4.59 -18.69 -3.83
CA ASN B 107 4.63 -17.25 -3.91
C ASN B 107 4.61 -16.61 -2.55
N CYS B 108 3.93 -17.23 -1.60
CA CYS B 108 3.98 -16.78 -0.23
C CYS B 108 5.39 -16.88 0.35
N GLN B 109 6.11 -17.94 0.02
CA GLN B 109 7.47 -18.11 0.48
C GLN B 109 8.36 -17.03 -0.10
N HIS B 110 8.20 -16.75 -1.39
CA HIS B 110 8.98 -15.68 -2.04
C HIS B 110 8.93 -14.38 -1.24
N TYR B 111 7.80 -14.10 -0.62
CA TYR B 111 7.64 -12.94 0.25
C TYR B 111 7.91 -13.20 1.73
N GLY B 112 8.31 -14.42 2.06
CA GLY B 112 8.73 -14.81 3.42
C GLY B 112 7.59 -14.73 4.41
N VAL B 113 6.39 -15.03 3.91
CA VAL B 113 5.16 -15.06 4.65
C VAL B 113 4.42 -16.30 4.17
N PRO B 114 4.44 -17.39 4.96
CA PRO B 114 3.86 -18.67 4.49
C PRO B 114 2.37 -18.62 4.14
N ILE B 115 1.94 -19.53 3.29
CA ILE B 115 0.55 -19.66 2.88
C ILE B 115 -0.27 -19.73 4.15
N LEU B 116 -1.39 -19.00 4.16
CA LEU B 116 -2.17 -18.73 5.37
C LEU B 116 -2.52 -19.97 6.18
N LYS B 117 -2.29 -19.89 7.48
CA LYS B 117 -2.89 -20.81 8.41
C LYS B 117 -3.87 -19.96 9.22
N ILE B 118 -5.12 -20.45 9.35
CA ILE B 118 -6.19 -19.77 10.11
C ILE B 118 -6.33 -20.31 11.54
N GLU B 119 -6.31 -19.45 12.55
CA GLU B 119 -6.25 -19.99 13.91
C GLU B 119 -7.58 -20.42 14.45
N ASP B 120 -8.61 -19.64 14.22
CA ASP B 120 -9.91 -19.99 14.72
C ASP B 120 -11.05 -19.40 13.90
N GLU B 121 -12.27 -19.62 14.38
CA GLU B 121 -13.46 -19.22 13.63
C GLU B 121 -13.61 -17.70 13.60
N ASP B 122 -13.28 -17.03 14.68
CA ASP B 122 -13.21 -15.58 14.58
C ASP B 122 -12.32 -15.15 13.38
N GLU B 123 -11.13 -15.74 13.22
CA GLU B 123 -10.26 -15.29 12.14
C GLU B 123 -10.83 -15.57 10.76
N LEU B 124 -11.44 -16.75 10.61
CA LEU B 124 -12.05 -17.18 9.35
C LEU B 124 -13.16 -16.22 8.95
N LYS B 125 -14.05 -15.95 9.92
CA LYS B 125 -15.11 -14.96 9.75
C LYS B 125 -14.57 -13.61 9.33
N PHE B 126 -13.59 -13.07 10.05
CA PHE B 126 -13.06 -11.75 9.71
C PHE B 126 -12.56 -11.75 8.26
N LEU B 127 -11.85 -12.80 7.90
CA LEU B 127 -11.35 -12.91 6.54
C LEU B 127 -12.44 -13.00 5.47
N GLN B 128 -13.55 -13.64 5.80
CA GLN B 128 -14.66 -13.75 4.85
C GLN B 128 -15.35 -12.40 4.61
N ARG B 129 -15.33 -11.55 5.63
CA ARG B 129 -15.96 -10.25 5.55
C ARG B 129 -15.08 -9.28 4.77
N HIS B 130 -13.76 -9.48 4.86
CA HIS B 130 -12.79 -8.52 4.32
C HIS B 130 -12.55 -8.70 2.83
N VAL B 131 -12.43 -9.94 2.42
CA VAL B 131 -11.94 -10.35 1.14
C VAL B 131 -12.88 -9.87 -0.01
N ILE B 132 -12.29 -9.51 -1.16
CA ILE B 132 -13.03 -9.14 -2.38
C ILE B 132 -13.66 -10.43 -2.87
N PRO B 133 -14.94 -10.40 -3.31
CA PRO B 133 -15.51 -11.71 -3.64
C PRO B 133 -14.58 -12.53 -4.54
N GLY B 134 -14.30 -13.77 -4.13
CA GLY B 134 -13.54 -14.69 -4.93
C GLY B 134 -13.14 -15.91 -4.13
N ASN B 135 -12.31 -16.75 -4.75
CA ASN B 135 -11.78 -17.93 -4.09
C ASN B 135 -10.27 -17.86 -3.84
N TYR B 136 -9.86 -18.21 -2.62
CA TYR B 136 -8.49 -17.98 -2.20
C TYR B 136 -7.89 -19.23 -1.57
N TRP B 137 -6.80 -19.72 -2.14
CA TRP B 137 -6.08 -20.80 -1.47
C TRP B 137 -5.65 -20.42 -0.07
N ILE B 138 -5.56 -21.42 0.79
CA ILE B 138 -5.05 -21.25 2.15
C ILE B 138 -4.19 -22.49 2.46
N GLY B 139 -3.37 -22.40 3.51
CA GLY B 139 -2.38 -23.43 3.82
C GLY B 139 -2.98 -24.63 4.50
N LEU B 140 -3.94 -25.27 3.83
CA LEU B 140 -4.55 -26.50 4.28
C LEU B 140 -4.69 -27.51 3.11
N SER B 141 -3.96 -28.63 3.17
CA SER B 141 -3.98 -29.61 2.05
C SER B 141 -3.96 -31.05 2.51
N TYR B 142 -4.48 -31.94 1.69
CA TYR B 142 -4.58 -33.34 2.09
C TYR B 142 -3.22 -34.02 1.98
N ASP B 143 -2.80 -34.68 3.06
CA ASP B 143 -1.48 -35.28 3.10
C ASP B 143 -1.58 -36.75 2.69
N LYS B 144 -1.22 -36.99 1.43
CA LYS B 144 -1.33 -38.29 0.84
C LYS B 144 -0.63 -39.29 1.74
N LYS B 145 0.67 -39.03 1.99
CA LYS B 145 1.56 -39.90 2.78
C LYS B 145 0.96 -40.43 4.08
N LYS B 146 0.46 -39.54 4.93
CA LYS B 146 -0.01 -39.96 6.24
C LYS B 146 -1.52 -39.72 6.39
N LYS B 147 -2.21 -39.59 5.26
CA LYS B 147 -3.68 -39.71 5.15
C LYS B 147 -4.54 -38.78 6.05
N GLU B 148 -4.20 -37.50 6.07
CA GLU B 148 -4.89 -36.50 6.89
C GLU B 148 -4.85 -35.13 6.22
N TRP B 149 -5.76 -34.25 6.62
CA TRP B 149 -5.68 -32.86 6.27
C TRP B 149 -4.66 -32.25 7.18
N ALA B 150 -3.74 -31.47 6.63
CA ALA B 150 -2.73 -30.83 7.46
C ALA B 150 -2.53 -29.38 7.07
N TRP B 151 -2.30 -28.55 8.08
CA TRP B 151 -1.96 -27.14 7.89
C TRP B 151 -0.52 -26.98 7.43
N ILE B 152 -0.19 -25.74 7.10
CA ILE B 152 1.14 -25.45 6.58
C ILE B 152 2.28 -25.86 7.58
N ASP B 153 2.20 -25.37 8.82
CA ASP B 153 3.17 -25.73 9.86
C ASP B 153 3.01 -27.12 10.48
N ASN B 154 2.17 -27.98 9.89
CA ASN B 154 1.83 -29.28 10.49
C ASN B 154 1.38 -29.22 11.95
N GLY B 155 0.76 -28.11 12.33
CA GLY B 155 0.21 -27.96 13.65
C GLY B 155 -1.32 -28.00 13.66
N PRO B 156 -1.89 -28.15 14.87
CA PRO B 156 -3.34 -28.13 15.03
C PRO B 156 -3.87 -26.71 14.85
N SER B 157 -5.14 -26.58 14.53
CA SER B 157 -5.79 -25.29 14.54
C SER B 157 -7.02 -25.43 15.40
N LYS B 158 -7.42 -24.35 16.07
CA LYS B 158 -8.70 -24.35 16.73
C LYS B 158 -9.89 -24.52 15.78
N LEU B 159 -9.65 -24.30 14.50
CA LEU B 159 -10.64 -24.47 13.46
C LEU B 159 -10.85 -25.94 13.05
N ASP B 160 -10.05 -26.86 13.59
CA ASP B 160 -10.05 -28.27 13.18
C ASP B 160 -11.36 -29.00 13.44
N MET B 161 -12.00 -28.77 14.58
CA MET B 161 -13.25 -29.47 14.87
C MET B 161 -14.31 -29.09 13.85
N LYS B 162 -14.37 -27.79 13.54
CA LYS B 162 -15.28 -27.26 12.53
C LYS B 162 -15.01 -27.91 11.18
N ILE B 163 -13.74 -28.01 10.80
CA ILE B 163 -13.37 -28.57 9.53
C ILE B 163 -13.79 -30.02 9.42
N LYS B 164 -13.52 -30.83 10.45
CA LYS B 164 -13.85 -32.25 10.31
C LYS B 164 -15.35 -32.48 10.17
N LYS B 165 -16.13 -31.49 10.62
CA LYS B 165 -17.57 -31.57 10.56
C LYS B 165 -18.12 -31.18 9.20
N MET B 166 -17.27 -30.63 8.35
CA MET B 166 -17.71 -30.26 7.00
C MET B 166 -17.72 -31.38 5.98
N ASN B 167 -17.18 -32.54 6.32
CA ASN B 167 -17.14 -33.67 5.44
C ASN B 167 -16.42 -33.45 4.08
N PHE B 168 -15.21 -32.87 4.13
CA PHE B 168 -14.34 -32.82 2.97
C PHE B 168 -14.07 -34.23 2.35
N LYS B 169 -13.72 -34.27 1.08
CA LYS B 169 -13.40 -35.55 0.45
C LYS B 169 -12.05 -36.22 0.73
N SER B 170 -10.98 -35.54 1.15
CA SER B 170 -9.72 -36.32 1.43
C SER B 170 -8.78 -36.51 0.22
N ARG B 171 -8.39 -35.38 -0.34
CA ARG B 171 -8.03 -35.31 -1.73
C ARG B 171 -7.90 -33.80 -1.88
N GLY B 172 -6.74 -33.34 -2.36
CA GLY B 172 -6.58 -31.96 -2.77
C GLY B 172 -6.33 -30.98 -1.66
N CYS B 173 -6.82 -29.76 -1.88
CA CYS B 173 -6.44 -28.57 -1.07
C CYS B 173 -7.69 -27.72 -0.76
N VAL B 174 -7.55 -26.73 0.13
CA VAL B 174 -8.69 -25.96 0.60
C VAL B 174 -8.56 -24.51 0.26
N PHE B 175 -9.67 -23.94 -0.21
CA PHE B 175 -9.73 -22.51 -0.52
C PHE B 175 -10.87 -21.89 0.26
N LEU B 176 -10.79 -20.57 0.42
CA LEU B 176 -11.75 -19.80 1.17
C LEU B 176 -12.46 -18.94 0.17
N SER B 177 -13.74 -18.71 0.43
CA SER B 177 -14.54 -17.72 -0.24
C SER B 177 -15.32 -16.95 0.86
N LYS B 178 -16.18 -16.03 0.51
CA LYS B 178 -16.94 -15.35 1.55
C LYS B 178 -17.96 -16.29 2.20
N ALA B 179 -18.60 -17.15 1.43
CA ALA B 179 -19.60 -18.04 1.99
C ALA B 179 -18.96 -19.19 2.80
N ARG B 180 -17.81 -19.68 2.35
CA ARG B 180 -17.30 -20.92 2.96
C ARG B 180 -15.84 -21.19 2.71
N ILE B 181 -15.36 -22.28 3.32
CA ILE B 181 -14.12 -22.94 2.91
C ILE B 181 -14.48 -24.29 2.27
N GLU B 182 -13.69 -24.76 1.31
CA GLU B 182 -14.01 -26.01 0.61
C GLU B 182 -12.76 -26.76 0.10
N ASP B 183 -12.87 -28.09 0.06
CA ASP B 183 -11.88 -28.95 -0.59
C ASP B 183 -12.17 -29.00 -2.05
N ILE B 184 -11.10 -29.07 -2.84
CA ILE B 184 -11.19 -29.25 -4.30
C ILE B 184 -9.81 -29.65 -4.81
N ASP B 185 -9.72 -29.96 -6.11
CA ASP B 185 -8.47 -30.33 -6.73
C ASP B 185 -7.43 -29.18 -6.68
N CYS B 186 -6.24 -29.49 -6.20
CA CYS B 186 -5.18 -28.50 -5.95
C CYS B 186 -4.72 -27.66 -7.15
N ASN B 187 -4.99 -28.13 -8.35
CA ASN B 187 -4.47 -27.46 -9.53
C ASN B 187 -5.43 -26.47 -10.19
N ILE B 188 -6.53 -26.22 -9.51
CA ILE B 188 -7.41 -25.16 -9.93
C ILE B 188 -6.75 -23.79 -9.66
N PRO B 189 -6.73 -22.91 -10.66
CA PRO B 189 -6.20 -21.58 -10.44
C PRO B 189 -7.14 -20.74 -9.60
N TYR B 190 -6.74 -20.49 -8.35
CA TYR B 190 -7.43 -19.51 -7.52
C TYR B 190 -6.47 -18.43 -7.09
N TYR B 191 -6.97 -17.39 -6.40
CA TYR B 191 -6.11 -16.43 -5.70
C TYR B 191 -5.54 -17.10 -4.44
N CYS B 192 -4.95 -16.31 -3.55
CA CYS B 192 -4.00 -16.83 -2.56
C CYS B 192 -3.87 -15.91 -1.37
N ILE B 193 -3.85 -16.48 -0.16
CA ILE B 193 -3.65 -15.70 1.05
C ILE B 193 -2.41 -16.21 1.79
N CYS B 194 -1.48 -15.31 2.09
CA CYS B 194 -0.37 -15.63 2.98
C CYS B 194 -0.61 -14.91 4.31
N GLY B 195 -0.17 -15.49 5.43
CA GLY B 195 -0.36 -14.84 6.74
C GLY B 195 0.83 -15.02 7.66
N LYS B 196 1.15 -13.97 8.41
CA LYS B 196 2.17 -14.06 9.45
C LYS B 196 1.71 -13.35 10.75
N LYS B 197 1.75 -14.09 11.85
CA LYS B 197 1.50 -13.56 13.19
C LYS B 197 2.61 -12.61 13.49
N LEU B 198 2.27 -11.40 13.93
CA LEU B 198 3.25 -10.45 14.46
C LEU B 198 3.63 -10.86 15.88
N ASP B 199 4.89 -10.70 16.23
CA ASP B 199 5.42 -11.07 17.55
C ASP B 199 5.81 -9.85 18.41
N LYS B 200 5.81 -8.66 17.79
CA LYS B 200 6.14 -7.42 18.45
C LYS B 200 5.49 -6.33 17.63
N PHE B 201 5.36 -5.15 18.24
CA PHE B 201 4.80 -4.01 17.57
C PHE B 201 5.73 -3.61 16.42
N PRO B 202 5.19 -3.55 15.19
CA PRO B 202 6.03 -3.34 14.01
C PRO B 202 6.92 -2.12 14.17
N ASP B 203 8.23 -2.33 14.06
CA ASP B 203 9.16 -1.20 14.32
C ASP B 203 10.00 -0.77 13.11
N GLY C 78 -16.47 -2.37 8.86
CA GLY C 78 -15.32 -2.26 7.91
C GLY C 78 -15.83 -2.04 6.51
N ARG C 79 -14.98 -1.44 5.67
CA ARG C 79 -15.29 -1.23 4.27
C ARG C 79 -14.05 -1.44 3.42
N GLY C 80 -14.23 -1.39 2.11
CA GLY C 80 -13.20 -1.68 1.13
C GLY C 80 -11.87 -1.00 1.37
N VAL C 81 -10.80 -1.63 0.86
CA VAL C 81 -9.45 -1.11 0.96
C VAL C 81 -9.18 -0.08 -0.14
N LYS C 82 -8.71 1.09 0.27
CA LYS C 82 -8.11 2.01 -0.68
C LYS C 82 -6.63 1.64 -0.85
N TYR C 83 -6.03 2.13 -1.93
CA TYR C 83 -4.60 2.04 -2.17
C TYR C 83 -4.33 2.96 -3.33
N TRP C 84 -3.13 3.53 -3.33
CA TRP C 84 -2.71 4.43 -4.36
C TRP C 84 -1.35 4.03 -4.91
N PHE C 85 -1.15 4.32 -6.19
CA PHE C 85 -0.01 3.83 -6.96
C PHE C 85 0.31 4.89 -8.01
N CYS C 86 1.59 5.13 -8.22
CA CYS C 86 2.04 6.03 -9.26
C CYS C 86 2.64 5.22 -10.38
N TYR C 87 2.51 5.70 -11.60
CA TYR C 87 3.25 5.16 -12.75
C TYR C 87 3.70 6.31 -13.63
N SER C 88 4.89 6.17 -14.23
CA SER C 88 5.33 7.32 -15.06
C SER C 88 5.17 8.57 -14.26
N THR C 89 4.62 9.66 -14.71
CA THR C 89 4.57 10.96 -14.09
C THR C 89 3.20 11.24 -13.55
N LYS C 90 2.48 10.18 -13.21
CA LYS C 90 1.08 10.28 -12.84
C LYS C 90 0.77 9.36 -11.66
N CYS C 91 -0.11 9.79 -10.77
CA CYS C 91 -0.49 8.99 -9.60
C CYS C 91 -1.98 8.65 -9.57
N TYR C 92 -2.30 7.49 -9.04
CA TYR C 92 -3.66 6.93 -9.13
C TYR C 92 -4.12 6.47 -7.75
N TYR C 93 -5.31 6.90 -7.35
CA TYR C 93 -6.00 6.41 -6.16
C TYR C 93 -7.08 5.43 -6.59
N PHE C 94 -7.04 4.23 -6.03
CA PHE C 94 -8.06 3.21 -6.24
C PHE C 94 -8.91 3.04 -5.00
N ILE C 95 -10.22 3.10 -5.19
CA ILE C 95 -11.19 3.02 -4.11
C ILE C 95 -12.03 1.78 -4.35
N MET C 96 -11.90 0.81 -3.43
CA MET C 96 -12.61 -0.47 -3.53
C MET C 96 -14.03 -0.49 -2.94
N ASN C 97 -14.70 0.67 -2.90
CA ASN C 97 -16.05 0.75 -2.30
C ASN C 97 -17.11 1.00 -3.36
N LYS C 98 -17.90 -0.02 -3.67
CA LYS C 98 -18.75 0.01 -4.84
C LYS C 98 -19.75 1.16 -4.82
N THR C 99 -19.66 2.04 -5.82
CA THR C 99 -20.60 3.16 -5.98
C THR C 99 -21.02 3.33 -7.42
N THR C 100 -22.01 4.20 -7.59
CA THR C 100 -22.43 4.67 -8.89
C THR C 100 -21.30 5.50 -9.48
N TRP C 101 -21.45 5.89 -10.75
CA TRP C 101 -20.43 6.71 -11.39
C TRP C 101 -20.35 8.07 -10.68
N SER C 102 -21.51 8.64 -10.40
CA SER C 102 -21.61 9.92 -9.68
C SER C 102 -20.85 9.88 -8.35
N GLY C 103 -21.14 8.86 -7.53
CA GLY C 103 -20.49 8.68 -6.24
C GLY C 103 -18.98 8.59 -6.39
N CYS C 104 -18.53 7.82 -7.37
CA CYS C 104 -17.11 7.71 -7.67
C CYS C 104 -16.50 9.08 -8.05
N LYS C 105 -17.22 9.87 -8.86
CA LYS C 105 -16.76 11.23 -9.20
C LYS C 105 -16.59 12.12 -7.96
N ALA C 106 -17.57 12.05 -7.05
CA ALA C 106 -17.57 12.85 -5.82
C ALA C 106 -16.48 12.41 -4.82
N ASN C 107 -16.31 11.10 -4.69
CA ASN C 107 -15.31 10.56 -3.79
C ASN C 107 -13.92 11.03 -4.18
N CYS C 108 -13.67 11.07 -5.49
CA CYS C 108 -12.42 11.59 -6.02
C CYS C 108 -12.35 13.07 -5.73
N GLN C 109 -13.44 13.78 -6.05
CA GLN C 109 -13.49 15.23 -5.87
C GLN C 109 -13.21 15.67 -4.41
N HIS C 110 -13.78 14.95 -3.44
CA HIS C 110 -13.51 15.29 -2.04
C HIS C 110 -12.20 14.66 -1.55
N TYR C 111 -11.58 13.85 -2.39
CA TYR C 111 -10.22 13.38 -2.12
C TYR C 111 -9.20 14.36 -2.71
N GLY C 112 -9.63 15.17 -3.66
CA GLY C 112 -8.74 16.13 -4.29
C GLY C 112 -8.25 15.70 -5.66
N VAL C 113 -8.26 14.41 -5.92
CA VAL C 113 -7.81 13.89 -7.21
C VAL C 113 -9.02 13.58 -8.07
N PRO C 114 -9.14 14.20 -9.25
CA PRO C 114 -10.34 13.98 -10.07
C PRO C 114 -10.38 12.58 -10.66
N ILE C 115 -11.59 12.05 -10.83
CA ILE C 115 -11.82 10.78 -11.48
C ILE C 115 -10.96 10.65 -12.76
N LEU C 116 -10.38 9.48 -12.94
CA LEU C 116 -9.32 9.26 -13.92
C LEU C 116 -9.66 9.62 -15.35
N LYS C 117 -8.83 10.44 -15.98
CA LYS C 117 -8.83 10.53 -17.43
C LYS C 117 -7.70 9.65 -17.92
N ILE C 118 -7.88 8.92 -19.01
CA ILE C 118 -6.77 8.12 -19.56
C ILE C 118 -6.29 8.77 -20.86
N GLU C 119 -4.99 9.09 -20.91
CA GLU C 119 -4.44 9.93 -21.99
C GLU C 119 -4.10 9.13 -23.24
N ASP C 120 -3.38 8.03 -23.06
CA ASP C 120 -2.89 7.23 -24.18
C ASP C 120 -3.13 5.75 -23.92
N GLU C 121 -2.86 4.93 -24.94
CA GLU C 121 -3.09 3.49 -24.88
C GLU C 121 -2.07 2.72 -24.03
N ASP C 122 -0.89 3.31 -23.83
CA ASP C 122 0.14 2.71 -22.98
C ASP C 122 -0.22 2.91 -21.51
N GLU C 123 -1.10 3.88 -21.26
CA GLU C 123 -1.62 4.13 -19.93
C GLU C 123 -2.75 3.17 -19.65
N LEU C 124 -3.68 3.03 -20.61
CA LEU C 124 -4.75 2.04 -20.47
C LEU C 124 -4.16 0.67 -20.19
N LYS C 125 -3.22 0.25 -21.05
CA LYS C 125 -2.50 -1.01 -20.92
C LYS C 125 -1.83 -1.23 -19.56
N PHE C 126 -1.16 -0.21 -19.06
CA PHE C 126 -0.54 -0.33 -17.74
C PHE C 126 -1.60 -0.45 -16.67
N LEU C 127 -2.63 0.37 -16.75
CA LEU C 127 -3.69 0.33 -15.76
C LEU C 127 -4.28 -1.09 -15.62
N GLN C 128 -4.55 -1.74 -16.76
CA GLN C 128 -5.16 -3.07 -16.74
C GLN C 128 -4.23 -4.12 -16.14
N ARG C 129 -2.93 -3.99 -16.41
CA ARG C 129 -1.90 -4.88 -15.84
C ARG C 129 -1.83 -4.84 -14.31
N HIS C 130 -1.96 -3.66 -13.73
CA HIS C 130 -1.63 -3.40 -12.33
C HIS C 130 -2.80 -3.56 -11.35
N VAL C 131 -4.01 -3.41 -11.88
CA VAL C 131 -5.24 -3.28 -11.09
C VAL C 131 -5.77 -4.62 -10.60
N ILE C 132 -6.38 -4.63 -9.42
CA ILE C 132 -7.00 -5.83 -8.84
C ILE C 132 -8.19 -6.24 -9.72
N PRO C 133 -8.29 -7.53 -10.08
CA PRO C 133 -9.44 -7.94 -10.88
C PRO C 133 -10.70 -7.32 -10.29
N GLY C 134 -11.40 -6.52 -11.11
CA GLY C 134 -12.60 -5.81 -10.68
C GLY C 134 -13.00 -4.75 -11.70
N ASN C 135 -14.17 -4.15 -11.49
CA ASN C 135 -14.69 -3.10 -12.35
C ASN C 135 -14.56 -1.69 -11.76
N TYR C 136 -14.03 -0.78 -12.57
CA TYR C 136 -13.65 0.53 -12.07
C TYR C 136 -14.21 1.64 -12.93
N TRP C 137 -15.00 2.51 -12.34
CA TRP C 137 -15.45 3.69 -13.05
C TRP C 137 -14.26 4.57 -13.39
N ILE C 138 -14.26 5.11 -14.61
CA ILE C 138 -13.28 6.11 -15.00
C ILE C 138 -14.00 7.37 -15.49
N GLY C 139 -13.27 8.47 -15.67
CA GLY C 139 -13.84 9.78 -15.95
C GLY C 139 -14.23 9.98 -17.40
N LEU C 140 -15.05 9.07 -17.92
CA LEU C 140 -15.60 9.17 -19.27
C LEU C 140 -17.09 8.90 -19.23
N SER C 141 -17.89 9.95 -19.45
CA SER C 141 -19.34 9.85 -19.36
C SER C 141 -20.03 10.48 -20.54
N TYR C 142 -21.29 10.07 -20.74
CA TYR C 142 -22.15 10.60 -21.80
C TYR C 142 -22.74 11.95 -21.41
N ASP C 143 -22.51 12.96 -22.24
CA ASP C 143 -23.07 14.29 -22.04
C ASP C 143 -24.52 14.28 -22.52
N LYS C 144 -25.46 14.35 -21.59
CA LYS C 144 -26.88 14.31 -21.92
C LYS C 144 -27.33 15.54 -22.71
N LYS C 145 -26.72 16.69 -22.41
CA LYS C 145 -27.09 17.97 -23.06
C LYS C 145 -26.47 18.14 -24.44
N LYS C 146 -25.32 17.49 -24.68
CA LYS C 146 -24.58 17.63 -25.94
C LYS C 146 -24.71 16.42 -26.88
N LYS C 147 -25.17 15.30 -26.33
CA LYS C 147 -25.18 14.01 -27.05
C LYS C 147 -23.79 13.61 -27.56
N GLU C 148 -22.84 13.52 -26.64
CA GLU C 148 -21.46 13.11 -26.92
C GLU C 148 -20.92 12.25 -25.78
N TRP C 149 -19.67 11.84 -25.92
CA TRP C 149 -18.92 11.29 -24.79
C TRP C 149 -17.86 12.30 -24.40
N ALA C 150 -17.71 12.49 -23.10
CA ALA C 150 -16.85 13.54 -22.57
C ALA C 150 -16.02 13.05 -21.41
N TRP C 151 -14.75 13.41 -21.43
CA TRP C 151 -13.85 13.15 -20.31
C TRP C 151 -14.13 14.13 -19.18
N ILE C 152 -13.61 13.82 -18.00
CA ILE C 152 -13.79 14.69 -16.83
C ILE C 152 -13.31 16.12 -17.07
N ASP C 153 -12.24 16.29 -17.84
CA ASP C 153 -11.61 17.59 -18.06
C ASP C 153 -12.01 18.28 -19.37
N ASN C 154 -12.88 17.62 -20.16
CA ASN C 154 -13.35 18.12 -21.47
C ASN C 154 -12.29 18.20 -22.56
N GLY C 155 -11.12 17.61 -22.29
CA GLY C 155 -10.03 17.57 -23.24
C GLY C 155 -10.10 16.31 -24.08
N PRO C 156 -9.34 16.28 -25.20
CA PRO C 156 -9.29 15.06 -25.98
C PRO C 156 -8.37 14.03 -25.30
N SER C 157 -8.49 12.78 -25.75
CA SER C 157 -7.61 11.71 -25.29
C SER C 157 -7.24 10.87 -26.51
N LYS C 158 -6.00 10.38 -26.54
CA LYS C 158 -5.54 9.56 -27.66
C LYS C 158 -6.23 8.20 -27.75
N LEU C 159 -7.15 7.95 -26.82
CA LEU C 159 -8.02 6.80 -26.88
C LEU C 159 -9.25 7.08 -27.74
N ASP C 160 -9.59 8.36 -27.89
CA ASP C 160 -10.82 8.77 -28.56
C ASP C 160 -11.01 8.08 -29.92
N MET C 161 -9.94 8.05 -30.72
CA MET C 161 -9.92 7.34 -32.00
C MET C 161 -10.44 5.90 -31.88
N LYS C 162 -9.82 5.13 -30.99
CA LYS C 162 -10.24 3.76 -30.71
C LYS C 162 -11.65 3.72 -30.10
N ILE C 163 -11.90 4.60 -29.13
CA ILE C 163 -13.18 4.68 -28.41
C ILE C 163 -14.38 4.94 -29.33
N LYS C 164 -14.26 5.92 -30.23
CA LYS C 164 -15.37 6.22 -31.13
C LYS C 164 -15.62 5.07 -32.11
N LYS C 165 -14.59 4.25 -32.35
CA LYS C 165 -14.75 3.05 -33.17
C LYS C 165 -15.26 1.87 -32.34
N MET C 166 -15.44 2.10 -31.04
CA MET C 166 -15.97 1.06 -30.15
C MET C 166 -17.49 1.09 -30.00
N ASN C 167 -18.12 2.07 -30.67
CA ASN C 167 -19.59 2.16 -30.75
C ASN C 167 -20.33 1.95 -29.43
N PHE C 168 -20.10 2.84 -28.47
CA PHE C 168 -20.82 2.80 -27.19
C PHE C 168 -22.29 3.19 -27.37
N LYS C 169 -23.17 2.27 -27.00
CA LYS C 169 -24.60 2.43 -27.23
C LYS C 169 -25.27 3.19 -26.09
N SER C 170 -25.24 2.62 -24.90
CA SER C 170 -25.91 3.18 -23.72
C SER C 170 -25.59 4.65 -23.49
N ARG C 171 -26.61 5.42 -23.12
CA ARG C 171 -26.41 6.80 -22.68
C ARG C 171 -25.89 6.81 -21.25
N GLY C 172 -24.89 5.94 -21.00
CA GLY C 172 -24.37 5.77 -19.66
C GLY C 172 -22.96 6.28 -19.48
N CYS C 173 -22.16 5.48 -18.79
CA CYS C 173 -20.80 5.84 -18.38
C CYS C 173 -19.81 4.77 -18.85
N VAL C 174 -18.54 4.92 -18.46
CA VAL C 174 -17.48 3.97 -18.85
C VAL C 174 -16.70 3.44 -17.66
N PHE C 175 -16.47 2.14 -17.64
CA PHE C 175 -15.64 1.54 -16.62
C PHE C 175 -14.55 0.74 -17.30
N LEU C 176 -13.45 0.49 -16.59
CA LEU C 176 -12.51 -0.53 -17.07
C LEU C 176 -12.45 -1.78 -16.19
N SER C 177 -12.07 -2.87 -16.85
CA SER C 177 -11.76 -4.16 -16.25
C SER C 177 -10.37 -4.52 -16.76
N LYS C 178 -9.79 -5.60 -16.24
CA LYS C 178 -8.47 -6.06 -16.65
C LYS C 178 -8.46 -6.45 -18.11
N ALA C 179 -9.65 -6.74 -18.64
CA ALA C 179 -9.85 -7.20 -20.01
C ALA C 179 -10.11 -6.07 -21.01
N ARG C 180 -10.87 -5.05 -20.62
CA ARG C 180 -11.16 -3.92 -21.54
C ARG C 180 -11.87 -2.71 -20.89
N ILE C 181 -12.48 -1.88 -21.74
CA ILE C 181 -13.38 -0.79 -21.31
C ILE C 181 -14.74 -0.97 -21.98
N GLU C 182 -15.81 -0.69 -21.23
CA GLU C 182 -17.18 -0.86 -21.71
C GLU C 182 -18.08 0.23 -21.19
N ASP C 183 -19.27 0.31 -21.78
CA ASP C 183 -20.28 1.28 -21.39
C ASP C 183 -21.48 0.62 -20.74
N ILE C 184 -22.06 1.31 -19.77
CA ILE C 184 -23.23 0.84 -19.02
C ILE C 184 -23.88 2.00 -18.27
N ASP C 185 -25.16 1.86 -17.91
CA ASP C 185 -25.85 2.93 -17.18
C ASP C 185 -25.15 3.26 -15.88
N CYS C 186 -25.16 4.54 -15.53
CA CYS C 186 -24.22 5.08 -14.56
C CYS C 186 -24.50 4.69 -13.12
N ASN C 187 -25.70 4.19 -12.83
CA ASN C 187 -26.03 3.83 -11.45
C ASN C 187 -25.52 2.45 -10.95
N ILE C 188 -24.89 1.67 -11.82
CA ILE C 188 -24.36 0.37 -11.39
C ILE C 188 -23.12 0.51 -10.46
N PRO C 189 -23.16 -0.16 -9.29
CA PRO C 189 -22.05 -0.12 -8.33
C PRO C 189 -20.75 -0.78 -8.82
N TYR C 190 -19.73 0.05 -9.07
CA TYR C 190 -18.41 -0.45 -9.39
C TYR C 190 -17.39 0.24 -8.51
N TYR C 191 -16.16 -0.26 -8.53
CA TYR C 191 -15.04 0.41 -7.88
C TYR C 191 -14.73 1.67 -8.66
N CYS C 192 -13.66 2.36 -8.27
CA CYS C 192 -13.43 3.71 -8.76
C CYS C 192 -11.95 4.03 -8.88
N ILE C 193 -11.54 4.72 -9.94
CA ILE C 193 -10.15 5.19 -10.06
C ILE C 193 -10.09 6.70 -10.17
N CYS C 194 -9.34 7.33 -9.28
CA CYS C 194 -8.96 8.73 -9.44
C CYS C 194 -7.51 8.76 -9.91
N GLY C 195 -7.19 9.74 -10.77
CA GLY C 195 -5.82 9.93 -11.25
C GLY C 195 -5.47 11.39 -11.53
N LYS C 196 -4.27 11.80 -11.12
CA LYS C 196 -3.78 13.13 -11.42
C LYS C 196 -2.35 13.16 -11.94
N LYS C 197 -2.11 14.01 -12.93
CA LYS C 197 -0.77 14.31 -13.43
C LYS C 197 0.11 14.98 -12.38
N LEU C 198 1.37 14.58 -12.32
CA LEU C 198 2.39 15.31 -11.55
C LEU C 198 2.98 16.43 -12.40
N ASP C 199 3.30 17.55 -11.76
CA ASP C 199 4.01 18.61 -12.44
C ASP C 199 5.50 18.54 -12.16
N LYS C 200 5.86 18.63 -10.88
CA LYS C 200 7.25 18.58 -10.42
C LYS C 200 7.54 17.23 -9.75
N PHE C 201 8.81 16.83 -9.72
CA PHE C 201 9.22 15.64 -8.98
C PHE C 201 8.64 15.73 -7.58
N PRO C 202 7.84 14.74 -7.17
CA PRO C 202 7.05 14.81 -5.93
C PRO C 202 7.83 15.41 -4.78
N ASP C 203 7.50 16.66 -4.44
CA ASP C 203 8.26 17.46 -3.49
C ASP C 203 7.90 17.14 -2.04
N SER D 74 31.62 24.52 -26.83
CA SER D 74 30.63 25.43 -27.49
C SER D 74 29.85 24.80 -28.68
N ARG D 75 29.09 23.75 -28.38
CA ARG D 75 28.30 23.03 -29.39
C ARG D 75 27.24 22.14 -28.72
N ASP D 76 27.11 20.93 -29.26
CA ASP D 76 26.52 19.82 -28.55
C ASP D 76 27.61 19.22 -27.69
N THR D 77 27.91 19.94 -26.61
CA THR D 77 28.70 19.48 -25.48
C THR D 77 27.73 18.90 -24.49
N GLY D 78 27.88 19.29 -23.23
CA GLY D 78 26.96 18.88 -22.18
C GLY D 78 26.93 17.40 -21.84
N ARG D 79 26.02 17.06 -20.93
CA ARG D 79 25.94 15.79 -20.28
C ARG D 79 24.83 14.95 -20.90
N GLY D 80 24.75 13.67 -20.52
CA GLY D 80 23.72 12.76 -21.02
C GLY D 80 22.31 13.12 -20.62
N VAL D 81 21.33 12.36 -21.08
CA VAL D 81 19.93 12.66 -20.76
C VAL D 81 19.61 12.19 -19.35
N LYS D 82 18.61 12.81 -18.73
CA LYS D 82 18.15 12.43 -17.41
C LYS D 82 16.67 12.71 -17.29
N TYR D 83 15.96 11.84 -16.59
CA TYR D 83 14.51 12.04 -16.37
C TYR D 83 14.12 11.49 -15.02
N TRP D 84 12.81 11.45 -14.78
CA TRP D 84 12.27 10.85 -13.56
C TRP D 84 10.98 10.14 -13.86
N PHE D 85 10.71 9.12 -13.06
CA PHE D 85 9.68 8.14 -13.31
C PHE D 85 9.27 7.51 -11.97
N CYS D 86 7.98 7.61 -11.62
CA CYS D 86 7.47 6.96 -10.41
C CYS D 86 6.96 5.55 -10.65
N TYR D 87 7.17 4.69 -9.66
CA TYR D 87 6.54 3.39 -9.62
C TYR D 87 6.07 3.16 -8.21
N SER D 88 4.87 2.56 -8.07
CA SER D 88 4.43 2.30 -6.67
C SER D 88 4.56 3.55 -5.88
N THR D 89 5.24 3.64 -4.78
CA THR D 89 5.27 4.78 -3.88
C THR D 89 6.63 5.41 -3.86
N LYS D 90 7.41 5.20 -4.92
CA LYS D 90 8.73 5.79 -5.05
C LYS D 90 8.84 6.40 -6.41
N CYS D 91 9.63 7.46 -6.52
CA CYS D 91 10.03 7.98 -7.84
C CYS D 91 11.54 7.94 -7.98
N TYR D 92 11.98 7.75 -9.22
CA TYR D 92 13.37 7.51 -9.50
C TYR D 92 13.85 8.51 -10.54
N TYR D 93 15.01 9.12 -10.29
CA TYR D 93 15.70 9.94 -11.28
C TYR D 93 16.70 9.02 -11.93
N PHE D 94 16.61 8.86 -13.25
CA PHE D 94 17.60 8.05 -13.97
C PHE D 94 18.59 8.95 -14.65
N ILE D 95 19.87 8.77 -14.33
CA ILE D 95 20.89 9.70 -14.81
C ILE D 95 21.85 9.04 -15.81
N MET D 96 21.77 9.47 -17.06
CA MET D 96 22.60 8.84 -18.08
C MET D 96 23.91 9.57 -18.32
N ASN D 97 24.58 9.92 -17.22
CA ASN D 97 25.97 10.36 -17.26
C ASN D 97 26.84 9.33 -16.57
N LYS D 98 27.96 8.99 -17.18
CA LYS D 98 28.84 8.05 -16.56
C LYS D 98 29.61 8.78 -15.48
N THR D 99 29.51 8.33 -14.22
CA THR D 99 30.33 8.89 -13.13
C THR D 99 30.86 7.80 -12.20
N THR D 100 31.79 8.18 -11.33
CA THR D 100 32.16 7.36 -10.19
C THR D 100 30.94 7.20 -9.29
N TRP D 101 31.03 6.28 -8.34
CA TRP D 101 29.97 6.11 -7.40
C TRP D 101 29.73 7.44 -6.71
N SER D 102 30.76 8.08 -6.16
CA SER D 102 30.50 9.27 -5.36
C SER D 102 30.04 10.45 -6.21
N GLY D 103 30.45 10.48 -7.46
CA GLY D 103 29.91 11.44 -8.41
C GLY D 103 28.43 11.22 -8.65
N CYS D 104 28.01 9.95 -8.63
CA CYS D 104 26.60 9.65 -8.76
C CYS D 104 25.88 10.03 -7.46
N LYS D 105 26.59 9.89 -6.35
CA LYS D 105 26.08 10.33 -5.07
C LYS D 105 25.92 11.84 -5.13
N ALA D 106 26.89 12.54 -5.73
CA ALA D 106 26.81 13.99 -5.85
C ALA D 106 25.61 14.40 -6.72
N ASN D 107 25.52 13.78 -7.89
CA ASN D 107 24.43 14.05 -8.82
C ASN D 107 23.06 13.93 -8.18
N CYS D 108 22.90 12.94 -7.30
CA CYS D 108 21.62 12.69 -6.64
C CYS D 108 21.33 13.77 -5.59
N GLN D 109 22.31 14.12 -4.75
CA GLN D 109 22.17 15.23 -3.80
C GLN D 109 21.88 16.59 -4.47
N HIS D 110 22.16 16.67 -5.77
CA HIS D 110 21.81 17.82 -6.61
C HIS D 110 20.30 17.89 -6.79
N TYR D 111 19.70 16.79 -7.24
CA TYR D 111 18.25 16.72 -7.41
C TYR D 111 17.46 16.68 -6.12
N GLY D 112 18.16 16.77 -4.98
CA GLY D 112 17.58 16.60 -3.65
C GLY D 112 17.00 15.22 -3.41
N VAL D 113 17.53 14.21 -4.10
CA VAL D 113 17.03 12.85 -3.97
C VAL D 113 18.17 11.86 -3.84
N PRO D 114 18.19 11.07 -2.75
CA PRO D 114 19.31 10.15 -2.47
C PRO D 114 19.55 9.09 -3.54
N ILE D 115 20.81 8.66 -3.66
CA ILE D 115 21.18 7.61 -4.56
C ILE D 115 20.32 6.39 -4.19
N LEU D 116 20.05 5.52 -5.17
CA LEU D 116 19.05 4.48 -5.02
C LEU D 116 19.29 3.48 -3.89
N LYS D 117 18.35 3.43 -2.96
CA LYS D 117 18.22 2.35 -1.97
C LYS D 117 17.17 1.41 -2.52
N ILE D 118 17.46 0.09 -2.60
CA ILE D 118 16.48 -0.89 -3.10
C ILE D 118 15.91 -1.73 -1.96
N GLU D 119 14.60 -1.63 -1.72
CA GLU D 119 14.02 -2.23 -0.50
C GLU D 119 13.70 -3.72 -0.57
N ASP D 120 13.25 -4.19 -1.74
CA ASP D 120 12.95 -5.61 -1.93
C ASP D 120 13.30 -6.08 -3.32
N GLU D 121 13.06 -7.36 -3.58
CA GLU D 121 13.27 -7.88 -4.93
C GLU D 121 12.26 -7.31 -5.93
N ASP D 122 11.00 -7.16 -5.53
CA ASP D 122 9.97 -6.49 -6.34
C ASP D 122 10.57 -5.29 -7.12
N GLU D 123 11.16 -4.37 -6.36
CA GLU D 123 11.74 -3.17 -6.91
C GLU D 123 12.89 -3.49 -7.86
N LEU D 124 13.80 -4.38 -7.45
CA LEU D 124 14.90 -4.84 -8.29
C LEU D 124 14.43 -5.36 -9.66
N LYS D 125 13.35 -6.13 -9.64
CA LYS D 125 12.81 -6.67 -10.87
C LYS D 125 12.23 -5.52 -11.72
N PHE D 126 11.51 -4.60 -11.06
CA PHE D 126 10.95 -3.48 -11.76
C PHE D 126 12.06 -2.68 -12.43
N LEU D 127 13.10 -2.33 -11.67
CA LEU D 127 14.15 -1.46 -12.17
C LEU D 127 14.97 -2.12 -13.27
N GLN D 128 15.11 -3.44 -13.20
CA GLN D 128 15.75 -4.16 -14.29
C GLN D 128 14.92 -4.16 -15.58
N ARG D 129 13.60 -4.10 -15.45
CA ARG D 129 12.74 -4.02 -16.63
C ARG D 129 12.78 -2.65 -17.29
N HIS D 130 12.76 -1.61 -16.46
CA HIS D 130 12.48 -0.24 -16.90
C HIS D 130 13.69 0.49 -17.46
N VAL D 131 14.86 -0.01 -17.13
CA VAL D 131 16.08 0.71 -17.33
C VAL D 131 16.65 0.51 -18.74
N ILE D 132 17.22 1.56 -19.34
CA ILE D 132 17.95 1.46 -20.62
C ILE D 132 19.21 0.60 -20.43
N PRO D 133 19.50 -0.35 -21.35
CA PRO D 133 20.61 -1.27 -21.13
C PRO D 133 21.91 -0.56 -20.79
N GLY D 134 22.57 -1.01 -19.73
CA GLY D 134 23.79 -0.40 -19.23
C GLY D 134 23.89 -0.58 -17.71
N ASN D 135 25.08 -0.34 -17.17
CA ASN D 135 25.26 -0.34 -15.71
C ASN D 135 24.89 0.95 -15.02
N TYR D 136 24.26 0.81 -13.86
CA TYR D 136 23.83 1.93 -13.02
C TYR D 136 24.33 1.74 -11.59
N TRP D 137 25.06 2.73 -11.06
CA TRP D 137 25.41 2.74 -9.63
C TRP D 137 24.14 2.80 -8.79
N ILE D 138 24.20 2.21 -7.61
CA ILE D 138 23.11 2.27 -6.65
C ILE D 138 23.71 2.47 -5.28
N GLY D 139 22.90 2.88 -4.32
CA GLY D 139 23.41 3.30 -3.02
C GLY D 139 23.85 2.23 -2.04
N LEU D 140 24.53 1.20 -2.52
CA LEU D 140 25.06 0.18 -1.63
C LEU D 140 26.56 0.10 -1.80
N SER D 141 27.31 0.27 -0.71
CA SER D 141 28.77 0.30 -0.78
C SER D 141 29.44 -0.21 0.47
N TYR D 142 30.77 -0.28 0.39
CA TYR D 142 31.60 -0.89 1.42
C TYR D 142 32.23 0.15 2.36
N ASP D 143 31.82 0.11 3.63
CA ASP D 143 32.36 0.99 4.66
C ASP D 143 33.66 0.40 5.16
N LYS D 144 34.76 1.00 4.70
CA LYS D 144 36.11 0.52 5.00
C LYS D 144 36.36 0.51 6.52
N LYS D 145 35.83 1.52 7.22
CA LYS D 145 36.07 1.66 8.66
C LYS D 145 35.09 0.88 9.56
N LYS D 146 34.27 0.02 8.96
CA LYS D 146 33.37 -0.85 9.71
C LYS D 146 33.42 -2.26 9.13
N LYS D 147 34.22 -2.43 8.09
CA LYS D 147 34.45 -3.70 7.40
C LYS D 147 33.18 -4.53 7.07
N GLU D 148 32.20 -3.87 6.46
CA GLU D 148 31.01 -4.53 5.90
C GLU D 148 30.28 -3.60 4.91
N TRP D 149 29.25 -4.12 4.25
CA TRP D 149 28.45 -3.39 3.28
C TRP D 149 27.22 -2.73 3.90
N ALA D 150 27.01 -1.46 3.60
CA ALA D 150 25.82 -0.73 4.02
C ALA D 150 25.15 -0.01 2.84
N TRP D 151 23.84 0.14 2.95
CA TRP D 151 23.08 1.05 2.10
C TRP D 151 23.35 2.49 2.50
N ILE D 152 23.02 3.42 1.60
CA ILE D 152 23.22 4.85 1.84
C ILE D 152 22.54 5.31 3.15
N ASP D 153 21.33 4.81 3.41
CA ASP D 153 20.59 5.17 4.60
C ASP D 153 20.96 4.34 5.83
N ASN D 154 22.08 3.65 5.76
CA ASN D 154 22.49 2.68 6.80
C ASN D 154 21.30 1.98 7.45
N GLY D 155 20.45 1.38 6.62
CA GLY D 155 19.31 0.59 7.07
C GLY D 155 19.26 -0.71 6.30
N PRO D 156 18.41 -1.65 6.73
CA PRO D 156 18.29 -2.92 6.04
C PRO D 156 17.50 -2.86 4.73
N SER D 157 17.66 -3.89 3.90
CA SER D 157 16.79 -4.14 2.77
C SER D 157 16.44 -5.62 2.77
N LYS D 158 15.26 -5.98 2.25
CA LYS D 158 14.88 -7.40 2.18
C LYS D 158 15.82 -8.17 1.23
N LEU D 159 16.66 -7.45 0.51
CA LEU D 159 17.61 -8.04 -0.43
C LEU D 159 18.86 -8.55 0.27
N ASP D 160 19.08 -8.08 1.51
CA ASP D 160 20.35 -8.30 2.21
C ASP D 160 20.70 -9.77 2.31
N MET D 161 19.69 -10.57 2.63
CA MET D 161 19.84 -12.03 2.62
C MET D 161 20.43 -12.47 1.29
N LYS D 162 19.75 -12.12 0.20
CA LYS D 162 20.15 -12.52 -1.13
C LYS D 162 21.52 -11.94 -1.55
N ILE D 163 21.82 -10.75 -1.07
CA ILE D 163 23.10 -10.09 -1.38
C ILE D 163 24.29 -10.72 -0.64
N LYS D 164 24.12 -10.97 0.66
CA LYS D 164 25.17 -11.58 1.47
C LYS D 164 25.60 -12.91 0.83
N LYS D 165 24.61 -13.63 0.30
CA LYS D 165 24.82 -14.86 -0.45
C LYS D 165 25.68 -14.65 -1.70
N MET D 166 25.55 -13.50 -2.35
CA MET D 166 26.34 -13.16 -3.54
C MET D 166 27.84 -13.03 -3.25
N ASN D 167 28.17 -12.82 -1.97
CA ASN D 167 29.53 -12.89 -1.46
C ASN D 167 30.45 -11.92 -2.15
N PHE D 168 30.10 -10.64 -2.08
CA PHE D 168 30.75 -9.60 -2.86
C PHE D 168 32.20 -9.50 -2.50
N LYS D 169 33.01 -10.15 -3.32
CA LYS D 169 34.43 -10.21 -3.06
C LYS D 169 35.15 -8.94 -3.52
N SER D 170 34.50 -7.78 -3.58
CA SER D 170 35.27 -6.56 -3.90
C SER D 170 35.72 -5.89 -2.62
N ARG D 171 35.63 -4.56 -2.59
CA ARG D 171 35.78 -3.74 -1.41
C ARG D 171 35.19 -2.39 -1.77
N GLY D 172 34.31 -2.40 -2.76
CA GLY D 172 34.00 -1.19 -3.49
C GLY D 172 32.55 -0.79 -3.45
N CYS D 173 31.97 -0.68 -4.63
CA CYS D 173 30.57 -0.25 -4.77
C CYS D 173 29.73 -1.22 -5.60
N VAL D 174 28.41 -1.01 -5.57
CA VAL D 174 27.49 -1.92 -6.23
C VAL D 174 26.72 -1.22 -7.33
N PHE D 175 26.70 -1.87 -8.50
CA PHE D 175 25.93 -1.36 -9.62
C PHE D 175 24.85 -2.34 -10.07
N LEU D 176 23.91 -1.85 -10.86
CA LEU D 176 22.82 -2.66 -11.36
C LEU D 176 22.82 -2.68 -12.88
N SER D 177 22.61 -3.86 -13.45
CA SER D 177 22.36 -3.98 -14.88
C SER D 177 20.95 -4.56 -15.04
N LYS D 178 20.52 -4.78 -16.28
CA LYS D 178 19.21 -5.38 -16.52
C LYS D 178 19.18 -6.86 -16.12
N ALA D 179 20.36 -7.48 -15.97
CA ALA D 179 20.43 -8.90 -15.65
C ALA D 179 20.82 -9.18 -14.20
N ARG D 180 21.56 -8.26 -13.57
CA ARG D 180 21.99 -8.47 -12.19
C ARG D 180 22.47 -7.21 -11.47
N ILE D 181 22.87 -7.41 -10.22
CA ILE D 181 23.63 -6.42 -9.48
C ILE D 181 25.02 -7.02 -9.24
N GLU D 182 26.02 -6.16 -9.13
CA GLU D 182 27.39 -6.61 -8.94
C GLU D 182 28.20 -5.59 -8.15
N ASP D 183 29.38 -6.03 -7.72
CA ASP D 183 30.33 -5.16 -7.04
C ASP D 183 31.56 -5.01 -7.93
N ILE D 184 32.04 -3.79 -7.99
CA ILE D 184 33.23 -3.44 -8.73
C ILE D 184 33.67 -2.16 -8.03
N ASP D 185 34.91 -1.74 -8.19
CA ASP D 185 35.37 -0.66 -7.32
C ASP D 185 34.90 0.72 -7.76
N CYS D 186 34.87 1.63 -6.80
CA CYS D 186 33.96 2.76 -6.84
C CYS D 186 34.20 3.83 -7.87
N ASN D 187 35.40 3.90 -8.43
CA ASN D 187 35.78 4.94 -9.40
C ASN D 187 35.57 4.57 -10.88
N ILE D 188 34.89 3.44 -11.11
CA ILE D 188 34.51 3.02 -12.45
C ILE D 188 33.28 3.84 -12.88
N PRO D 189 33.34 4.48 -14.05
CA PRO D 189 32.20 5.34 -14.35
C PRO D 189 31.03 4.59 -14.96
N TYR D 190 29.87 4.75 -14.33
CA TYR D 190 28.64 4.06 -14.70
C TYR D 190 27.52 5.08 -14.68
N TYR D 191 26.33 4.70 -15.16
CA TYR D 191 25.17 5.56 -15.02
C TYR D 191 24.69 5.54 -13.56
N CYS D 192 23.64 6.29 -13.27
CA CYS D 192 23.30 6.58 -11.89
C CYS D 192 21.79 6.59 -11.66
N ILE D 193 21.30 5.83 -10.68
CA ILE D 193 19.89 5.92 -10.29
C ILE D 193 19.74 6.59 -8.93
N CYS D 194 18.77 7.50 -8.79
CA CYS D 194 18.41 8.08 -7.50
C CYS D 194 17.00 7.61 -7.22
N GLY D 195 16.60 7.62 -5.95
CA GLY D 195 15.27 7.14 -5.59
C GLY D 195 14.83 7.66 -4.25
N LYS D 196 13.52 7.84 -4.10
CA LYS D 196 12.94 8.40 -2.88
C LYS D 196 11.53 7.83 -2.67
N LYS D 197 11.25 7.42 -1.44
CA LYS D 197 9.92 6.96 -1.05
C LYS D 197 9.02 8.14 -0.78
N LEU D 198 7.79 8.04 -1.29
CA LEU D 198 6.76 9.00 -1.00
C LEU D 198 6.03 8.52 0.25
N ASP D 199 5.88 9.40 1.23
CA ASP D 199 5.13 9.09 2.45
C ASP D 199 3.67 9.46 2.28
N LYS D 200 3.43 10.30 1.28
CA LYS D 200 2.10 10.84 0.96
C LYS D 200 1.80 10.66 -0.52
N PHE D 201 0.51 10.47 -0.85
CA PHE D 201 0.03 10.71 -2.20
C PHE D 201 0.41 12.15 -2.52
N PRO D 202 1.20 12.38 -3.59
CA PRO D 202 1.68 13.73 -3.95
C PRO D 202 0.57 14.77 -3.85
N ASP D 203 0.78 15.77 -2.98
CA ASP D 203 -0.27 16.75 -2.67
C ASP D 203 -0.31 17.93 -3.65
#